data_3V5O
#
_entry.id   3V5O
#
_cell.length_a   98.023
_cell.length_b   98.023
_cell.length_c   264.145
_cell.angle_alpha   90.000
_cell.angle_beta   90.000
_cell.angle_gamma   120.000
#
_symmetry.space_group_name_H-M   'P 62 2 2'
#
loop_
_entity.id
_entity.type
_entity.pdbx_description
1 polymer 'Dihydropteroate synthase'
2 non-polymer 'SULFATE ION'
3 water water
#
_entity_poly.entity_id   1
_entity_poly.type   'polypeptide(L)'
_entity_poly.pdbx_seq_one_letter_code
;MGSSHHHHHHSSGLVPRGSHMKWDYDLRCGEYTLNLNEKTLIMGILNVTPDSFSDGGSYNEVDAAVRHAKEMRDEGAHII
DIGGESTRPGFAKVSVEEEIKRVVPMIQAVSKEVKLPISIDTYKAEVAKQAIEAGAHIINDIWGAKAEPKIAEVAAHYDV
PIILMHNRDNMNYRNLMADMIADLYDSIKIAKDAGVRDENIILNPGIGFAKTPEQNLEAMRNLEQLNVLGYPVLLGTSRK
SFIGHVLDLPVEERLEGTGATVCLGIEKGCEFVRVHDVKEMSRMAKMMDAMIGKGVK
;
_entity_poly.pdbx_strand_id   A,B
#
# COMPACT_ATOMS: atom_id res chain seq x y z
N LYS A 22 26.04 -6.99 32.22
CA LYS A 22 26.76 -5.70 32.42
C LYS A 22 25.86 -4.47 32.24
N TRP A 23 24.76 -4.60 31.52
CA TRP A 23 23.66 -3.65 31.65
C TRP A 23 22.67 -4.32 32.58
N ASP A 24 22.31 -3.66 33.67
CA ASP A 24 21.45 -4.31 34.66
C ASP A 24 19.96 -4.07 34.36
N TYR A 25 19.67 -3.60 33.15
CA TYR A 25 18.31 -3.33 32.74
C TYR A 25 18.09 -3.57 31.24
N ASP A 26 16.82 -3.55 30.83
CA ASP A 26 16.42 -3.63 29.43
C ASP A 26 15.84 -2.31 28.96
N LEU A 27 15.86 -2.10 27.64
CA LEU A 27 15.19 -0.97 27.05
C LEU A 27 13.71 -1.27 26.94
N ARG A 28 12.89 -0.45 27.60
CA ARG A 28 11.44 -0.60 27.52
C ARG A 28 10.89 0.26 26.37
N CYS A 29 10.27 -0.41 25.40
CA CYS A 29 9.73 0.26 24.22
C CYS A 29 8.25 -0.08 24.04
N GLY A 30 7.47 0.23 25.07
CA GLY A 30 6.05 -0.10 25.10
C GLY A 30 5.80 -1.57 24.84
N GLU A 31 5.40 -1.88 23.62
CA GLU A 31 5.09 -3.25 23.22
C GLU A 31 6.31 -4.17 23.19
N TYR A 32 7.46 -3.65 22.74
CA TYR A 32 8.67 -4.46 22.56
C TYR A 32 9.72 -4.18 23.63
N THR A 33 10.60 -5.16 23.85
CA THR A 33 11.68 -5.05 24.84
C THR A 33 13.03 -5.44 24.25
N LEU A 34 14.00 -4.53 24.34
CA LEU A 34 15.31 -4.73 23.76
C LEU A 34 16.36 -4.98 24.85
N ASN A 35 16.96 -6.16 24.80
CA ASN A 35 18.04 -6.54 25.72
C ASN A 35 19.37 -6.00 25.23
N LEU A 36 20.13 -5.39 26.13
CA LEU A 36 21.39 -4.70 25.77
C LEU A 36 22.65 -5.54 25.93
N ASN A 37 22.48 -6.81 26.28
CA ASN A 37 23.62 -7.67 26.60
C ASN A 37 23.83 -8.84 25.63
N GLU A 38 22.75 -9.34 25.03
CA GLU A 38 22.81 -10.54 24.20
C GLU A 38 23.53 -10.30 22.86
N LYS A 39 23.24 -9.18 22.21
CA LYS A 39 23.81 -8.88 20.89
C LYS A 39 23.81 -7.40 20.57
N THR A 40 24.72 -6.97 19.67
CA THR A 40 24.65 -5.63 19.07
C THR A 40 23.33 -5.47 18.32
N LEU A 41 22.56 -4.46 18.70
CA LEU A 41 21.23 -4.23 18.13
C LEU A 41 21.33 -3.40 16.85
N ILE A 42 20.63 -3.84 15.81
CA ILE A 42 20.75 -3.23 14.50
C ILE A 42 19.57 -2.34 14.23
N MET A 43 19.84 -1.08 13.94
CA MET A 43 18.78 -0.15 13.56
C MET A 43 18.89 0.10 12.07
N GLY A 44 17.83 -0.25 11.35
CA GLY A 44 17.78 -0.14 9.89
C GLY A 44 17.25 1.20 9.45
N ILE A 45 17.95 1.85 8.51
CA ILE A 45 17.54 3.17 8.04
C ILE A 45 16.54 3.03 6.90
N LEU A 46 15.31 3.43 7.17
CA LEU A 46 14.22 3.31 6.20
C LEU A 46 14.34 4.26 5.01
N ASN A 47 14.26 3.69 3.81
CA ASN A 47 14.18 4.42 2.56
C ASN A 47 12.88 5.23 2.57
N VAL A 48 13.01 6.55 2.44
CA VAL A 48 11.89 7.46 2.70
C VAL A 48 11.44 8.25 1.45
N THR A 49 11.83 7.78 0.26
CA THR A 49 11.54 8.50 -1.00
C THR A 49 10.08 8.97 -1.07
N PRO A 50 9.87 10.31 -1.09
CA PRO A 50 8.51 10.85 -1.12
C PRO A 50 7.93 10.95 -2.54
N ASP A 51 6.62 11.10 -2.62
CA ASP A 51 5.93 11.34 -3.89
C ASP A 51 5.97 12.83 -4.22
N SER A 52 6.12 13.16 -5.50
CA SER A 52 6.19 14.55 -5.93
C SER A 52 4.80 15.15 -6.18
N PHE A 53 3.79 14.28 -6.24
CA PHE A 53 2.42 14.70 -6.51
C PHE A 53 1.51 14.74 -5.27
N SER A 54 2.10 14.57 -4.07
CA SER A 54 1.33 14.68 -2.82
C SER A 54 2.11 15.42 -1.73
N ASP A 55 1.39 15.85 -0.70
CA ASP A 55 2.00 16.43 0.50
C ASP A 55 2.13 15.40 1.64
N GLY A 56 1.95 14.13 1.27
CA GLY A 56 2.15 12.99 2.18
C GLY A 56 0.99 12.03 2.23
N GLY A 57 1.30 10.75 2.47
CA GLY A 57 0.27 9.73 2.73
C GLY A 57 -0.03 8.75 1.61
N SER A 58 0.42 9.07 0.40
CA SER A 58 0.04 8.33 -0.82
C SER A 58 0.48 6.88 -0.82
N TYR A 59 -0.05 6.12 -1.78
CA TYR A 59 0.11 4.67 -1.82
C TYR A 59 1.50 4.17 -2.20
N ASN A 60 2.12 4.75 -3.22
CA ASN A 60 3.49 4.37 -3.63
C ASN A 60 4.49 4.67 -2.50
N GLU A 61 4.34 5.86 -1.91
CA GLU A 61 5.09 6.31 -0.74
C GLU A 61 5.09 5.30 0.40
N VAL A 62 3.90 5.03 0.96
CA VAL A 62 3.75 4.25 2.17
C VAL A 62 3.98 2.77 1.94
N ASP A 63 3.66 2.31 0.73
CA ASP A 63 3.83 0.91 0.39
C ASP A 63 5.30 0.58 0.18
N ALA A 64 6.03 1.48 -0.49
CA ALA A 64 7.46 1.26 -0.71
C ALA A 64 8.22 1.26 0.61
N ALA A 65 7.72 2.04 1.58
CA ALA A 65 8.31 2.08 2.91
C ALA A 65 8.00 0.83 3.74
N VAL A 66 6.80 0.27 3.57
CA VAL A 66 6.42 -0.94 4.27
C VAL A 66 7.23 -2.12 3.73
N ARG A 67 7.43 -2.16 2.41
CA ARG A 67 8.14 -3.29 1.86
C ARG A 67 9.61 -3.21 2.27
N HIS A 68 10.11 -1.99 2.42
CA HIS A 68 11.48 -1.81 2.86
C HIS A 68 11.67 -2.22 4.34
N ALA A 69 10.73 -1.81 5.20
CA ALA A 69 10.75 -2.22 6.60
C ALA A 69 10.70 -3.75 6.72
N LYS A 70 9.83 -4.37 5.92
CA LYS A 70 9.70 -5.83 5.87
C LYS A 70 11.01 -6.49 5.46
N GLU A 71 11.65 -5.93 4.45
CA GLU A 71 12.90 -6.45 3.95
C GLU A 71 13.94 -6.36 5.06
N MET A 72 14.05 -5.18 5.68
CA MET A 72 15.01 -4.97 6.75
C MET A 72 14.75 -5.88 7.95
N ARG A 73 13.47 -6.13 8.26
CA ARG A 73 13.10 -7.02 9.35
C ARG A 73 13.55 -8.45 9.05
N ASP A 74 13.45 -8.84 7.77
CA ASP A 74 13.87 -10.15 7.30
C ASP A 74 15.38 -10.36 7.33
N GLU A 75 16.13 -9.26 7.17
CA GLU A 75 17.58 -9.33 7.01
C GLU A 75 18.35 -9.18 8.32
N GLY A 76 17.63 -8.98 9.43
CA GLY A 76 18.22 -8.95 10.76
C GLY A 76 18.09 -7.69 11.60
N ALA A 77 17.34 -6.69 11.12
CA ALA A 77 17.12 -5.44 11.85
C ALA A 77 16.28 -5.63 13.11
N HIS A 78 16.61 -4.88 14.16
CA HIS A 78 15.89 -4.97 15.42
C HIS A 78 15.05 -3.72 15.66
N ILE A 79 15.34 -2.68 14.87
CA ILE A 79 14.65 -1.39 14.99
C ILE A 79 14.54 -0.79 13.60
N ILE A 80 13.41 -0.14 13.33
CA ILE A 80 13.24 0.62 12.09
C ILE A 80 13.27 2.12 12.38
N ASP A 81 14.21 2.82 11.72
CA ASP A 81 14.37 4.27 11.87
C ASP A 81 13.67 5.04 10.74
N ILE A 82 12.71 5.89 11.13
CA ILE A 82 11.89 6.61 10.13
C ILE A 82 12.04 8.13 10.24
N GLY A 83 12.57 8.74 9.18
CA GLY A 83 12.78 10.20 9.11
C GLY A 83 12.22 10.84 7.84
N SER A 95 8.63 21.93 5.62
CA SER A 95 8.58 22.53 6.95
C SER A 95 7.92 21.59 7.96
N VAL A 96 7.75 22.10 9.19
CA VAL A 96 7.20 21.32 10.31
C VAL A 96 5.82 20.71 10.01
N GLU A 97 4.93 21.48 9.40
CA GLU A 97 3.57 21.02 9.12
C GLU A 97 3.57 19.81 8.19
N GLU A 98 4.37 19.92 7.12
CA GLU A 98 4.50 18.84 6.12
C GLU A 98 5.21 17.61 6.67
N GLU A 99 6.23 17.83 7.49
CA GLU A 99 7.02 16.74 8.06
C GLU A 99 6.12 15.72 8.78
N ILE A 100 5.10 16.23 9.48
CA ILE A 100 4.12 15.39 10.17
C ILE A 100 3.24 14.66 9.17
N LYS A 101 2.77 15.38 8.16
CA LYS A 101 1.91 14.81 7.10
C LYS A 101 2.60 13.68 6.32
N ARG A 102 3.92 13.74 6.22
CA ARG A 102 4.70 12.71 5.53
C ARG A 102 5.08 11.54 6.42
N VAL A 103 5.52 11.84 7.64
CA VAL A 103 6.09 10.80 8.50
C VAL A 103 5.04 9.99 9.28
N VAL A 104 3.99 10.66 9.79
CA VAL A 104 2.91 9.99 10.55
C VAL A 104 2.29 8.77 9.82
N PRO A 105 1.86 8.92 8.55
CA PRO A 105 1.27 7.79 7.82
C PRO A 105 2.19 6.58 7.70
N MET A 106 3.48 6.83 7.49
CA MET A 106 4.49 5.76 7.42
C MET A 106 4.64 4.98 8.73
N ILE A 107 4.45 5.67 9.86
CA ILE A 107 4.56 5.02 11.17
C ILE A 107 3.35 4.13 11.47
N GLN A 108 2.16 4.63 11.12
CA GLN A 108 0.91 3.89 11.28
C GLN A 108 0.93 2.55 10.54
N ALA A 109 1.41 2.58 9.29
CA ALA A 109 1.49 1.40 8.44
C ALA A 109 2.52 0.39 8.93
N VAL A 110 3.73 0.88 9.21
CA VAL A 110 4.84 0.02 9.59
C VAL A 110 4.62 -0.64 10.95
N SER A 111 4.11 0.12 11.91
CA SER A 111 3.83 -0.43 13.24
C SER A 111 2.73 -1.48 13.21
N LYS A 112 1.85 -1.40 12.21
CA LYS A 112 0.79 -2.36 12.03
C LYS A 112 1.35 -3.61 11.37
N GLU A 113 2.16 -3.42 10.34
CA GLU A 113 2.55 -4.53 9.47
C GLU A 113 3.91 -5.17 9.74
N VAL A 114 4.76 -4.47 10.50
CA VAL A 114 6.08 -5.00 10.89
C VAL A 114 6.26 -4.95 12.40
N LYS A 115 6.32 -6.12 13.05
CA LYS A 115 6.43 -6.18 14.51
C LYS A 115 7.86 -5.91 14.99
N LEU A 116 8.23 -4.63 14.99
CA LEU A 116 9.53 -4.13 15.45
C LEU A 116 9.37 -2.72 16.02
N PRO A 117 10.20 -2.36 17.02
CA PRO A 117 10.13 -0.99 17.54
C PRO A 117 10.55 0.04 16.49
N ILE A 118 9.95 1.21 16.58
CA ILE A 118 10.18 2.27 15.59
C ILE A 118 10.77 3.49 16.26
N SER A 119 11.79 4.06 15.64
CA SER A 119 12.29 5.34 16.09
C SER A 119 11.98 6.43 15.09
N ILE A 120 11.57 7.58 15.62
CA ILE A 120 11.35 8.76 14.81
C ILE A 120 12.65 9.55 14.80
N ASP A 121 13.16 9.77 13.59
CA ASP A 121 14.38 10.54 13.36
C ASP A 121 14.03 12.02 13.13
N THR A 122 13.74 12.72 14.21
CA THR A 122 13.56 14.18 14.16
C THR A 122 14.29 14.85 15.31
N TYR A 123 14.43 16.18 15.24
CA TYR A 123 14.89 16.98 16.37
C TYR A 123 13.78 17.94 16.86
N LYS A 124 12.66 17.96 16.13
CA LYS A 124 11.55 18.87 16.43
C LYS A 124 10.59 18.27 17.44
N ALA A 125 10.21 19.07 18.43
CA ALA A 125 9.34 18.61 19.51
C ALA A 125 7.96 18.22 18.99
N GLU A 126 7.36 19.11 18.19
CA GLU A 126 6.03 18.87 17.66
C GLU A 126 5.98 17.60 16.80
N VAL A 127 7.01 17.41 15.97
CA VAL A 127 7.12 16.22 15.13
C VAL A 127 7.20 14.95 15.97
N ALA A 128 8.07 14.96 16.97
CA ALA A 128 8.26 13.81 17.87
C ALA A 128 6.96 13.41 18.57
N LYS A 129 6.23 14.41 19.08
CA LYS A 129 4.94 14.18 19.72
C LYS A 129 3.99 13.39 18.81
N GLN A 130 3.78 13.89 17.60
CA GLN A 130 2.89 13.26 16.62
C GLN A 130 3.29 11.81 16.31
N ALA A 131 4.59 11.60 16.14
CA ALA A 131 5.16 10.31 15.73
C ALA A 131 4.95 9.22 16.77
N ILE A 132 5.15 9.56 18.04
CA ILE A 132 4.86 8.64 19.14
C ILE A 132 3.37 8.38 19.23
N GLU A 133 2.57 9.44 19.07
CA GLU A 133 1.13 9.31 19.00
C GLU A 133 0.76 8.35 17.87
N ALA A 134 1.47 8.50 16.75
CA ALA A 134 1.28 7.63 15.59
C ALA A 134 1.81 6.22 15.78
N GLY A 135 2.61 6.00 16.83
CA GLY A 135 3.10 4.64 17.12
C GLY A 135 4.60 4.42 17.21
N ALA A 136 5.39 5.50 17.11
CA ALA A 136 6.86 5.41 17.25
C ALA A 136 7.27 5.20 18.71
N HIS A 137 8.33 4.42 18.91
CA HIS A 137 8.76 3.96 20.24
C HIS A 137 9.97 4.69 20.81
N ILE A 138 10.84 5.19 19.95
CA ILE A 138 12.12 5.76 20.36
C ILE A 138 12.33 7.09 19.63
N ILE A 139 12.97 8.06 20.29
CA ILE A 139 13.33 9.28 19.59
C ILE A 139 14.80 9.25 19.20
N ASN A 140 15.07 9.79 18.02
CA ASN A 140 16.40 9.86 17.46
C ASN A 140 16.73 11.31 17.09
N ASP A 141 17.22 12.06 18.07
CA ASP A 141 17.52 13.50 17.91
C ASP A 141 18.97 13.76 17.48
N ILE A 142 19.15 14.44 16.36
CA ILE A 142 20.50 14.74 15.85
C ILE A 142 21.07 16.03 16.45
N TRP A 143 20.29 16.68 17.31
CA TRP A 143 20.75 17.87 18.02
C TRP A 143 20.78 17.70 19.53
N GLY A 144 20.56 16.47 19.97
CA GLY A 144 20.65 16.11 21.38
C GLY A 144 19.92 17.10 22.27
N ALA A 145 18.66 17.36 21.94
CA ALA A 145 17.77 18.24 22.71
C ALA A 145 18.16 19.72 22.71
N LYS A 146 19.18 20.08 21.92
CA LYS A 146 19.68 21.45 21.91
C LYS A 146 18.93 22.35 20.92
N ALA A 147 18.41 21.76 19.85
CA ALA A 147 17.64 22.52 18.86
C ALA A 147 16.27 22.87 19.37
N GLU A 148 15.59 21.89 19.98
CA GLU A 148 14.28 22.11 20.57
C GLU A 148 14.16 21.41 21.91
N PRO A 149 14.67 22.06 22.98
CA PRO A 149 14.69 21.49 24.33
C PRO A 149 13.37 20.86 24.75
N LYS A 150 12.27 21.41 24.26
CA LYS A 150 10.94 20.89 24.55
C LYS A 150 10.82 19.40 24.19
N ILE A 151 11.64 18.94 23.23
CA ILE A 151 11.63 17.54 22.83
C ILE A 151 11.94 16.61 23.99
N ALA A 152 12.81 17.04 24.90
CA ALA A 152 13.11 16.26 26.08
C ALA A 152 11.83 16.06 26.87
N GLU A 153 11.07 17.14 27.07
CA GLU A 153 9.79 17.09 27.78
C GLU A 153 8.81 16.13 27.12
N VAL A 154 8.80 16.12 25.79
CA VAL A 154 8.01 15.16 25.01
C VAL A 154 8.44 13.74 25.36
N ALA A 155 9.76 13.53 25.43
CA ALA A 155 10.32 12.20 25.69
C ALA A 155 10.03 11.71 27.10
N ALA A 156 10.22 12.59 28.08
CA ALA A 156 9.91 12.31 29.48
C ALA A 156 8.42 12.01 29.63
N HIS A 157 7.62 12.86 29.01
CA HIS A 157 6.17 12.73 29.02
C HIS A 157 5.70 11.33 28.59
N TYR A 158 6.00 10.95 27.35
CA TYR A 158 5.61 9.63 26.84
C TYR A 158 6.50 8.48 27.34
N ASP A 159 7.54 8.81 28.11
CA ASP A 159 8.39 7.80 28.75
C ASP A 159 9.09 6.87 27.72
N VAL A 160 9.55 7.45 26.61
CA VAL A 160 10.23 6.69 25.58
C VAL A 160 11.75 6.91 25.60
N PRO A 161 12.53 5.92 25.12
CA PRO A 161 13.98 6.12 25.06
C PRO A 161 14.31 7.23 24.08
N ILE A 162 15.39 7.97 24.35
CA ILE A 162 15.83 9.03 23.45
C ILE A 162 17.34 8.92 23.17
N ILE A 163 17.68 8.96 21.89
CA ILE A 163 19.05 8.93 21.44
C ILE A 163 19.55 10.36 21.28
N LEU A 164 20.54 10.74 22.08
CA LEU A 164 21.12 12.07 22.05
C LEU A 164 22.42 12.08 21.27
N MET A 165 22.40 12.81 20.16
CA MET A 165 23.57 12.84 19.28
C MET A 165 24.38 14.09 19.53
N HIS A 166 25.70 13.94 19.51
CA HIS A 166 26.59 15.08 19.54
C HIS A 166 26.50 15.88 18.25
N ASN A 167 26.37 17.19 18.40
CA ASN A 167 26.28 18.10 17.27
C ASN A 167 26.58 19.52 17.73
N ARG A 168 26.96 20.39 16.79
CA ARG A 168 27.18 21.81 17.07
C ARG A 168 27.26 22.60 15.77
N ASP A 169 26.94 23.90 15.85
CA ASP A 169 26.87 24.74 14.66
C ASP A 169 28.24 25.34 14.28
N ASN A 170 29.32 24.74 14.81
CA ASN A 170 30.68 25.19 14.52
C ASN A 170 31.63 24.00 14.61
N MET A 171 32.85 24.14 14.08
CA MET A 171 33.81 23.03 14.10
C MET A 171 35.10 23.40 14.85
N ASN A 172 34.99 24.34 15.79
CA ASN A 172 36.15 24.84 16.53
C ASN A 172 36.33 24.15 17.87
N TYR A 173 37.14 23.10 17.86
CA TYR A 173 37.35 22.27 19.03
C TYR A 173 38.69 22.58 19.64
N ARG A 174 38.72 22.68 20.97
CA ARG A 174 39.97 22.72 21.70
C ARG A 174 40.51 21.29 21.72
N ASN A 175 39.72 20.38 22.30
CA ASN A 175 40.09 18.98 22.41
C ASN A 175 38.88 18.11 22.03
N LEU A 176 38.89 17.66 20.77
CA LEU A 176 37.74 16.96 20.18
C LEU A 176 36.99 16.04 21.14
N MET A 177 37.67 15.03 21.68
CA MET A 177 37.01 14.07 22.56
C MET A 177 36.49 14.69 23.84
N ALA A 178 37.31 15.56 24.44
CA ALA A 178 36.95 16.23 25.68
C ALA A 178 35.72 17.10 25.46
N ASP A 179 35.74 17.83 24.34
CA ASP A 179 34.63 18.67 23.93
C ASP A 179 33.36 17.87 23.64
N MET A 180 33.48 16.77 22.87
CA MET A 180 32.31 15.92 22.59
C MET A 180 31.63 15.46 23.87
N ILE A 181 32.44 14.98 24.81
CA ILE A 181 31.94 14.46 26.08
C ILE A 181 31.29 15.56 26.92
N ALA A 182 31.89 16.75 26.90
CA ALA A 182 31.25 17.93 27.49
C ALA A 182 29.90 18.18 26.82
N ASP A 183 29.90 18.31 25.49
CA ASP A 183 28.68 18.65 24.71
C ASP A 183 27.57 17.65 24.95
N LEU A 184 27.91 16.37 24.92
CA LEU A 184 26.92 15.34 25.16
C LEU A 184 26.36 15.53 26.56
N TYR A 185 27.25 15.82 27.52
CA TYR A 185 26.78 16.01 28.88
C TYR A 185 25.80 17.20 29.01
N ASP A 186 26.03 18.26 28.22
CA ASP A 186 25.04 19.33 28.12
C ASP A 186 23.70 18.83 27.60
N SER A 187 23.70 17.77 26.79
CA SER A 187 22.45 17.15 26.33
C SER A 187 21.80 16.36 27.45
N ILE A 188 22.60 15.55 28.17
CA ILE A 188 22.09 14.76 29.27
C ILE A 188 21.42 15.64 30.33
N LYS A 189 22.09 16.75 30.65
CA LYS A 189 21.57 17.75 31.59
C LYS A 189 20.16 18.18 31.18
N ILE A 190 20.00 18.56 29.90
CA ILE A 190 18.71 19.02 29.38
C ILE A 190 17.66 17.92 29.50
N ALA A 191 18.06 16.69 29.17
CA ALA A 191 17.15 15.55 29.21
C ALA A 191 16.70 15.28 30.65
N LYS A 192 17.66 15.23 31.57
CA LYS A 192 17.35 14.94 32.97
C LYS A 192 16.52 16.04 33.66
N ASP A 193 16.86 17.30 33.38
CA ASP A 193 16.09 18.44 33.86
C ASP A 193 14.64 18.37 33.42
N ALA A 194 14.41 17.89 32.21
CA ALA A 194 13.06 17.74 31.69
C ALA A 194 12.30 16.53 32.25
N GLY A 195 13.01 15.63 32.94
CA GLY A 195 12.37 14.49 33.60
C GLY A 195 12.60 13.12 32.97
N VAL A 196 13.51 13.07 31.99
CA VAL A 196 13.92 11.82 31.36
C VAL A 196 14.74 10.95 32.34
N ARG A 197 14.30 9.70 32.54
CA ARG A 197 15.01 8.73 33.39
C ARG A 197 16.32 8.29 32.73
N ASP A 198 17.34 8.02 33.55
CA ASP A 198 18.63 7.56 33.05
C ASP A 198 18.48 6.39 32.07
N GLU A 199 17.52 5.50 32.36
CA GLU A 199 17.34 4.29 31.58
C GLU A 199 16.78 4.51 30.17
N ASN A 200 16.17 5.67 29.96
CA ASN A 200 15.67 6.05 28.65
C ASN A 200 16.64 6.93 27.87
N ILE A 201 17.89 7.00 28.32
CA ILE A 201 18.89 7.80 27.60
C ILE A 201 19.89 6.92 26.88
N ILE A 202 20.09 7.20 25.60
CA ILE A 202 21.10 6.54 24.77
C ILE A 202 21.95 7.65 24.13
N LEU A 203 23.27 7.45 24.04
CA LEU A 203 24.14 8.47 23.45
C LEU A 203 24.53 8.13 22.00
N ASN A 204 24.98 9.14 21.27
CA ASN A 204 25.40 8.97 19.88
C ASN A 204 26.52 9.98 19.57
N PRO A 205 27.72 9.49 19.21
CA PRO A 205 28.84 10.41 19.05
C PRO A 205 28.65 11.39 17.88
N GLY A 206 27.64 11.14 17.03
CA GLY A 206 27.39 12.01 15.88
C GLY A 206 28.53 12.08 14.89
N ILE A 207 29.06 10.91 14.51
CA ILE A 207 30.06 10.79 13.46
C ILE A 207 29.45 11.29 12.14
N GLY A 208 30.18 12.16 11.46
CA GLY A 208 29.72 12.73 10.20
C GLY A 208 29.05 14.10 10.36
N PHE A 209 28.91 14.53 11.61
CA PHE A 209 28.36 15.85 11.91
C PHE A 209 29.35 16.76 12.60
N ALA A 210 29.46 17.99 12.11
CA ALA A 210 30.32 19.02 12.69
C ALA A 210 31.75 18.55 12.94
N LYS A 211 32.28 17.75 12.02
CA LYS A 211 33.60 17.19 12.17
C LYS A 211 34.26 17.08 10.81
N THR A 212 35.52 17.50 10.74
CA THR A 212 36.32 17.30 9.55
C THR A 212 36.54 15.79 9.34
N PRO A 213 36.96 15.38 8.13
CA PRO A 213 37.23 13.98 7.95
C PRO A 213 38.18 13.43 9.01
N GLU A 214 39.25 14.17 9.30
CA GLU A 214 40.24 13.73 10.28
C GLU A 214 39.64 13.67 11.69
N GLN A 215 38.78 14.63 12.02
CA GLN A 215 38.10 14.58 13.30
C GLN A 215 37.20 13.35 13.44
N ASN A 216 36.46 13.02 12.39
CA ASN A 216 35.64 11.80 12.36
C ASN A 216 36.43 10.52 12.65
N LEU A 217 37.60 10.42 12.03
CA LEU A 217 38.53 9.33 12.28
C LEU A 217 38.96 9.32 13.73
N GLU A 218 39.25 10.50 14.28
CA GLU A 218 39.74 10.61 15.65
C GLU A 218 38.66 10.12 16.62
N ALA A 219 37.41 10.55 16.40
CA ALA A 219 36.33 10.09 17.25
C ALA A 219 36.21 8.58 17.14
N MET A 220 36.39 8.06 15.94
CA MET A 220 36.27 6.62 15.71
C MET A 220 37.32 5.92 16.57
N ARG A 221 38.56 6.39 16.44
CA ARG A 221 39.71 5.91 17.19
C ARG A 221 39.51 5.93 18.73
N ASN A 222 38.67 6.85 19.21
CA ASN A 222 38.57 7.09 20.65
C ASN A 222 37.16 6.87 21.20
N LEU A 223 36.33 6.19 20.40
CA LEU A 223 34.95 5.93 20.77
C LEU A 223 34.72 5.40 22.18
N GLU A 224 35.60 4.52 22.66
CA GLU A 224 35.42 3.90 23.98
C GLU A 224 35.29 4.89 25.13
N GLN A 225 35.88 6.09 24.98
CA GLN A 225 35.73 7.14 25.99
C GLN A 225 34.27 7.46 26.32
N LEU A 226 33.37 7.35 25.34
CA LEU A 226 31.97 7.72 25.59
C LEU A 226 31.38 6.83 26.68
N ASN A 227 31.98 5.66 26.87
CA ASN A 227 31.52 4.71 27.86
C ASN A 227 31.57 5.20 29.31
N VAL A 228 32.52 6.09 29.62
CA VAL A 228 32.66 6.55 31.00
C VAL A 228 31.40 7.25 31.51
N LEU A 229 30.60 7.81 30.59
CA LEU A 229 29.33 8.49 30.94
C LEU A 229 28.26 7.51 31.42
N GLY A 230 28.46 6.22 31.13
CA GLY A 230 27.61 5.16 31.68
C GLY A 230 26.26 4.96 31.01
N TYR A 231 26.18 5.31 29.72
CA TYR A 231 24.97 5.10 28.94
C TYR A 231 25.25 4.26 27.71
N PRO A 232 24.22 3.53 27.24
CA PRO A 232 24.35 2.80 25.98
C PRO A 232 24.71 3.77 24.85
N VAL A 233 25.58 3.31 23.94
CA VAL A 233 25.97 4.13 22.81
C VAL A 233 25.40 3.54 21.52
N LEU A 234 24.84 4.40 20.67
CA LEU A 234 24.46 4.04 19.32
C LEU A 234 25.42 4.70 18.33
N LEU A 235 25.96 3.91 17.41
CA LEU A 235 26.87 4.41 16.38
C LEU A 235 26.10 4.55 15.07
N GLY A 236 26.34 5.63 14.33
CA GLY A 236 25.65 5.86 13.07
C GLY A 236 26.60 6.42 12.02
N THR A 237 27.28 5.53 11.32
CA THR A 237 28.31 5.96 10.38
C THR A 237 27.96 5.56 8.94
N SER A 238 26.81 4.92 8.77
CA SER A 238 26.45 4.30 7.49
C SER A 238 26.68 5.19 6.25
N ARG A 239 27.62 4.76 5.40
CA ARG A 239 27.98 5.46 4.15
C ARG A 239 28.15 6.98 4.25
N LYS A 240 28.99 7.47 5.13
CA LYS A 240 29.12 8.92 5.23
C LYS A 240 30.35 9.44 4.47
N SER A 241 30.42 10.76 4.25
CA SER A 241 31.55 11.40 3.57
C SER A 241 32.94 10.89 3.97
N PHE A 242 33.20 10.75 5.28
CA PHE A 242 34.54 10.39 5.74
C PHE A 242 35.00 9.01 5.28
N ILE A 243 34.05 8.09 5.17
CA ILE A 243 34.29 6.79 4.57
C ILE A 243 34.69 6.96 3.12
N GLY A 244 34.00 7.87 2.43
CA GLY A 244 34.30 8.19 1.04
C GLY A 244 35.63 8.91 0.91
N HIS A 245 35.90 9.81 1.86
CA HIS A 245 37.12 10.59 1.87
C HIS A 245 38.32 9.68 2.00
N VAL A 246 38.16 8.59 2.75
CA VAL A 246 39.27 7.69 3.00
C VAL A 246 39.48 6.79 1.80
N LEU A 247 38.41 6.15 1.36
CA LEU A 247 38.47 5.15 0.31
C LEU A 247 38.42 5.74 -1.09
N ASP A 248 38.10 7.03 -1.15
CA ASP A 248 37.75 7.71 -2.41
C ASP A 248 36.74 6.89 -3.23
N LEU A 249 35.52 6.83 -2.73
CA LEU A 249 34.46 6.03 -3.31
C LEU A 249 33.10 6.68 -3.06
N PRO A 250 32.23 6.69 -4.08
CA PRO A 250 30.92 7.33 -3.92
C PRO A 250 30.03 6.51 -2.99
N VAL A 251 28.92 7.11 -2.57
CA VAL A 251 28.01 6.57 -1.54
C VAL A 251 27.58 5.11 -1.75
N GLU A 252 27.31 4.73 -3.00
CA GLU A 252 26.86 3.37 -3.29
C GLU A 252 27.97 2.32 -3.19
N GLU A 253 29.20 2.78 -2.95
CA GLU A 253 30.35 1.88 -2.84
C GLU A 253 31.02 1.96 -1.46
N ARG A 254 30.21 2.04 -0.39
CA ARG A 254 30.77 2.23 0.94
C ARG A 254 30.36 1.17 1.96
N LEU A 255 30.01 0.00 1.45
CA LEU A 255 29.59 -1.09 2.30
C LEU A 255 30.77 -1.64 3.12
N GLU A 256 31.92 -1.84 2.48
CA GLU A 256 33.12 -2.33 3.17
C GLU A 256 33.63 -1.32 4.21
N GLY A 257 33.72 -0.05 3.82
CA GLY A 257 34.11 1.01 4.74
C GLY A 257 33.15 1.16 5.91
N THR A 258 31.85 1.13 5.63
CA THR A 258 30.85 1.13 6.71
C THR A 258 31.08 -0.05 7.64
N GLY A 259 31.34 -1.21 7.06
CA GLY A 259 31.55 -2.42 7.83
C GLY A 259 32.69 -2.28 8.81
N ALA A 260 33.77 -1.64 8.36
CA ALA A 260 34.96 -1.47 9.18
C ALA A 260 34.59 -0.64 10.39
N THR A 261 33.86 0.45 10.17
CA THR A 261 33.43 1.33 11.28
C THR A 261 32.49 0.61 12.23
N VAL A 262 31.60 -0.24 11.70
CA VAL A 262 30.70 -1.03 12.55
C VAL A 262 31.51 -1.98 13.44
N CYS A 263 32.52 -2.62 12.86
CA CYS A 263 33.36 -3.56 13.60
C CYS A 263 34.11 -2.87 14.72
N LEU A 264 34.84 -1.81 14.37
CA LEU A 264 35.60 -1.08 15.37
C LEU A 264 34.65 -0.53 16.45
N GLY A 265 33.46 -0.09 16.04
CA GLY A 265 32.47 0.44 16.97
C GLY A 265 32.04 -0.58 17.99
N ILE A 266 31.76 -1.79 17.51
CA ILE A 266 31.30 -2.86 18.40
C ILE A 266 32.40 -3.24 19.36
N GLU A 267 33.63 -3.32 18.85
CA GLU A 267 34.77 -3.58 19.70
C GLU A 267 34.86 -2.51 20.81
N LYS A 268 34.52 -1.28 20.48
CA LYS A 268 34.67 -0.20 21.44
C LYS A 268 33.44 -0.05 22.33
N GLY A 269 32.54 -1.04 22.29
CA GLY A 269 31.46 -1.11 23.25
C GLY A 269 30.09 -0.61 22.80
N CYS A 270 29.91 -0.25 21.55
CA CYS A 270 28.59 0.19 21.06
C CYS A 270 27.48 -0.84 21.24
N GLU A 271 26.31 -0.38 21.69
CA GLU A 271 25.15 -1.25 21.89
C GLU A 271 24.26 -1.31 20.65
N PHE A 272 24.41 -0.34 19.74
CA PHE A 272 23.57 -0.25 18.54
C PHE A 272 24.40 0.25 17.37
N VAL A 273 24.03 -0.16 16.16
CA VAL A 273 24.58 0.48 14.96
C VAL A 273 23.43 0.85 14.05
N ARG A 274 23.52 2.02 13.43
CA ARG A 274 22.47 2.52 12.56
C ARG A 274 22.94 2.45 11.11
N VAL A 275 22.33 1.57 10.33
CA VAL A 275 22.88 1.22 9.01
C VAL A 275 21.83 1.13 7.91
N HIS A 276 22.30 1.23 6.66
CA HIS A 276 21.45 1.06 5.48
C HIS A 276 21.44 -0.40 5.07
N ASP A 277 22.65 -0.96 4.96
CA ASP A 277 22.86 -2.31 4.44
C ASP A 277 22.66 -3.36 5.54
N VAL A 278 21.40 -3.53 5.96
CA VAL A 278 21.04 -4.37 7.10
C VAL A 278 21.55 -5.81 7.00
N LYS A 279 21.32 -6.49 5.87
CA LYS A 279 21.81 -7.87 5.69
C LYS A 279 23.30 -8.01 6.01
N GLU A 280 24.13 -7.18 5.37
CA GLU A 280 25.58 -7.31 5.52
C GLU A 280 26.04 -6.92 6.93
N MET A 281 25.54 -5.78 7.40
CA MET A 281 25.94 -5.21 8.69
C MET A 281 25.49 -6.06 9.84
N SER A 282 24.36 -6.74 9.64
CA SER A 282 23.81 -7.65 10.62
C SER A 282 24.73 -8.88 10.78
N ARG A 283 25.28 -9.36 9.67
CA ARG A 283 26.24 -10.47 9.69
C ARG A 283 27.57 -10.09 10.32
N MET A 284 28.03 -8.86 10.08
CA MET A 284 29.32 -8.46 10.63
C MET A 284 29.21 -8.29 12.13
N ALA A 285 28.09 -7.72 12.57
CA ALA A 285 27.81 -7.53 13.97
C ALA A 285 27.78 -8.86 14.71
N LYS A 286 27.02 -9.82 14.17
CA LYS A 286 26.90 -11.14 14.75
C LYS A 286 28.27 -11.79 14.92
N MET A 287 29.13 -11.67 13.92
CA MET A 287 30.46 -12.25 13.99
C MET A 287 31.31 -11.52 15.02
N MET A 288 31.21 -10.20 15.05
CA MET A 288 31.90 -9.40 16.06
C MET A 288 31.51 -9.90 17.45
N ASP A 289 30.19 -9.98 17.68
CA ASP A 289 29.61 -10.39 18.96
C ASP A 289 30.21 -11.72 19.42
N ALA A 290 30.23 -12.70 18.53
CA ALA A 290 30.81 -13.98 18.85
C ALA A 290 32.27 -13.81 19.29
N MET A 291 33.03 -12.99 18.55
CA MET A 291 34.46 -12.85 18.85
C MET A 291 34.72 -12.13 20.17
N ILE A 292 34.10 -10.96 20.36
CA ILE A 292 34.30 -10.19 21.59
C ILE A 292 33.67 -10.83 22.83
N GLY A 293 32.74 -11.75 22.61
CA GLY A 293 32.12 -12.52 23.71
C GLY A 293 30.85 -11.91 24.25
N LYS A 294 30.06 -11.29 23.36
CA LYS A 294 28.81 -10.62 23.71
C LYS A 294 27.64 -11.57 23.47
N LYS B 22 -18.89 -23.58 -29.16
CA LYS B 22 -20.02 -22.65 -29.46
C LYS B 22 -19.51 -21.28 -29.88
N TRP B 23 -18.70 -20.63 -29.04
CA TRP B 23 -18.08 -19.36 -29.43
C TRP B 23 -16.85 -19.65 -30.25
N ASP B 24 -16.76 -19.06 -31.43
CA ASP B 24 -15.64 -19.35 -32.34
C ASP B 24 -14.44 -18.40 -32.14
N TYR B 25 -14.43 -17.71 -31.00
CA TYR B 25 -13.36 -16.77 -30.69
C TYR B 25 -13.11 -16.60 -29.18
N ASP B 26 -11.97 -15.99 -28.85
CA ASP B 26 -11.62 -15.65 -27.48
C ASP B 26 -11.78 -14.17 -27.24
N LEU B 27 -11.88 -13.79 -25.97
CA LEU B 27 -11.95 -12.40 -25.59
C LEU B 27 -10.52 -11.91 -25.33
N ARG B 28 -10.07 -10.99 -26.17
CA ARG B 28 -8.68 -10.52 -26.17
C ARG B 28 -8.53 -9.25 -25.33
N CYS B 29 -7.77 -9.37 -24.24
CA CYS B 29 -7.59 -8.27 -23.30
C CYS B 29 -6.11 -7.97 -23.08
N GLY B 30 -5.43 -7.55 -24.14
CA GLY B 30 -3.98 -7.28 -24.08
C GLY B 30 -3.18 -8.52 -23.73
N GLU B 31 -2.68 -8.58 -22.51
CA GLU B 31 -1.85 -9.69 -22.06
C GLU B 31 -2.66 -10.89 -21.53
N TYR B 32 -3.96 -10.69 -21.33
CA TYR B 32 -4.83 -11.76 -20.83
C TYR B 32 -5.82 -12.21 -21.89
N THR B 33 -5.99 -13.52 -21.98
CA THR B 33 -6.94 -14.11 -22.91
C THR B 33 -8.03 -14.83 -22.13
N LEU B 34 -9.28 -14.46 -22.39
CA LEU B 34 -10.43 -15.09 -21.75
C LEU B 34 -11.19 -16.00 -22.70
N ASN B 35 -11.18 -17.30 -22.40
CA ASN B 35 -11.91 -18.29 -23.19
C ASN B 35 -13.39 -18.32 -22.81
N LEU B 36 -14.26 -18.32 -23.82
CA LEU B 36 -15.69 -18.20 -23.57
C LEU B 36 -16.42 -19.52 -23.50
N ASN B 37 -15.71 -20.63 -23.68
CA ASN B 37 -16.37 -21.93 -23.74
C ASN B 37 -16.13 -22.83 -22.54
N GLU B 38 -14.97 -22.70 -21.90
CA GLU B 38 -14.58 -23.65 -20.86
C GLU B 38 -15.36 -23.52 -19.55
N LYS B 39 -15.77 -22.31 -19.21
CA LYS B 39 -16.44 -22.08 -17.94
C LYS B 39 -17.11 -20.71 -17.88
N THR B 40 -18.13 -20.59 -17.04
CA THR B 40 -18.68 -19.29 -16.68
C THR B 40 -17.60 -18.44 -15.99
N LEU B 41 -17.37 -17.23 -16.52
CA LEU B 41 -16.35 -16.32 -16.01
C LEU B 41 -16.88 -15.43 -14.87
N ILE B 42 -16.07 -15.32 -13.82
CA ILE B 42 -16.46 -14.60 -12.62
C ILE B 42 -15.82 -13.23 -12.58
N MET B 43 -16.66 -12.20 -12.57
CA MET B 43 -16.19 -10.84 -12.38
C MET B 43 -16.45 -10.39 -10.95
N GLY B 44 -15.39 -10.22 -10.17
CA GLY B 44 -15.52 -9.85 -8.76
C GLY B 44 -15.61 -8.35 -8.61
N ILE B 45 -16.59 -7.89 -7.83
CA ILE B 45 -16.77 -6.48 -7.58
C ILE B 45 -15.85 -6.02 -6.45
N LEU B 46 -14.92 -5.13 -6.79
CA LEU B 46 -13.97 -4.58 -5.82
C LEU B 46 -14.63 -3.65 -4.80
N ASN B 47 -14.32 -3.88 -3.53
CA ASN B 47 -14.83 -3.08 -2.43
C ASN B 47 -14.18 -1.69 -2.48
N VAL B 48 -15.01 -0.67 -2.65
CA VAL B 48 -14.53 0.71 -2.85
C VAL B 48 -15.09 1.69 -1.80
N THR B 49 -14.26 2.00 -0.79
CA THR B 49 -14.64 2.88 0.31
C THR B 49 -13.90 4.23 0.19
N PRO B 50 -14.67 5.34 0.05
CA PRO B 50 -14.14 6.71 -0.17
C PRO B 50 -12.83 7.04 0.55
N ASP B 55 -9.14 10.26 0.32
CA ASP B 55 -9.37 11.42 -0.56
C ASP B 55 -9.10 11.11 -2.05
N GLY B 56 -8.37 10.01 -2.31
CA GLY B 56 -8.14 9.54 -3.68
C GLY B 56 -6.67 9.11 -3.95
N GLY B 57 -6.20 7.96 -3.45
CA GLY B 57 -4.62 7.57 -3.51
C GLY B 57 -4.16 7.13 -2.21
N SER B 58 -4.91 7.42 -1.11
CA SER B 58 -4.46 7.15 0.22
C SER B 58 -3.96 5.72 0.35
N TYR B 59 -2.89 5.53 1.13
CA TYR B 59 -2.38 4.17 1.34
C TYR B 59 -3.48 3.28 1.86
N ASN B 60 -4.29 3.80 2.77
CA ASN B 60 -5.33 3.00 3.42
C ASN B 60 -6.38 2.47 2.43
N GLU B 61 -6.84 3.34 1.53
CA GLU B 61 -7.86 2.93 0.57
C GLU B 61 -7.30 2.05 -0.57
N VAL B 62 -6.17 2.46 -1.16
CA VAL B 62 -5.61 1.74 -2.31
C VAL B 62 -5.04 0.38 -1.90
N ASP B 63 -4.60 0.28 -0.66
CA ASP B 63 -4.12 -0.98 -0.12
C ASP B 63 -5.29 -1.95 0.11
N ALA B 64 -6.36 -1.42 0.75
CA ALA B 64 -7.54 -2.23 1.04
C ALA B 64 -8.08 -2.85 -0.25
N ALA B 65 -8.01 -2.07 -1.32
CA ALA B 65 -8.44 -2.52 -2.64
C ALA B 65 -7.56 -3.63 -3.20
N VAL B 66 -6.23 -3.50 -3.04
CA VAL B 66 -5.31 -4.53 -3.54
C VAL B 66 -5.48 -5.84 -2.75
N ARG B 67 -5.62 -5.73 -1.43
CA ARG B 67 -5.79 -6.93 -0.61
C ARG B 67 -7.10 -7.63 -0.97
N HIS B 68 -8.12 -6.84 -1.30
CA HIS B 68 -9.42 -7.41 -1.66
C HIS B 68 -9.35 -8.08 -3.03
N ALA B 69 -8.74 -7.39 -3.99
CA ALA B 69 -8.47 -7.94 -5.31
C ALA B 69 -7.67 -9.23 -5.23
N LYS B 70 -6.72 -9.29 -4.31
CA LYS B 70 -5.90 -10.48 -4.12
C LYS B 70 -6.72 -11.68 -3.60
N GLU B 71 -7.65 -11.44 -2.69
CA GLU B 71 -8.42 -12.57 -2.15
C GLU B 71 -9.48 -13.05 -3.15
N MET B 72 -10.13 -12.13 -3.85
CA MET B 72 -11.02 -12.49 -4.95
C MET B 72 -10.29 -13.35 -5.99
N ARG B 73 -9.05 -12.98 -6.34
CA ARG B 73 -8.22 -13.82 -7.21
C ARG B 73 -8.03 -15.22 -6.61
N ASP B 74 -7.77 -15.30 -5.31
CA ASP B 74 -7.60 -16.59 -4.65
C ASP B 74 -8.91 -17.38 -4.54
N GLU B 75 -10.03 -16.66 -4.54
CA GLU B 75 -11.34 -17.27 -4.33
C GLU B 75 -12.06 -17.75 -5.60
N GLY B 76 -11.50 -17.40 -6.77
CA GLY B 76 -11.99 -17.88 -8.05
C GLY B 76 -12.27 -16.86 -9.15
N ALA B 77 -12.12 -15.57 -8.85
CA ALA B 77 -12.39 -14.50 -9.81
C ALA B 77 -11.47 -14.51 -11.04
N HIS B 78 -12.05 -14.18 -12.20
CA HIS B 78 -11.31 -14.09 -13.46
C HIS B 78 -11.16 -12.64 -13.94
N ILE B 79 -11.99 -11.75 -13.39
CA ILE B 79 -11.93 -10.33 -13.71
C ILE B 79 -12.18 -9.51 -12.46
N ILE B 80 -11.37 -8.45 -12.28
CA ILE B 80 -11.62 -7.49 -11.20
C ILE B 80 -12.33 -6.27 -11.78
N ASP B 81 -13.47 -5.92 -11.20
CA ASP B 81 -14.23 -4.77 -11.66
C ASP B 81 -14.13 -3.63 -10.65
N ILE B 82 -13.66 -2.48 -11.13
CA ILE B 82 -13.41 -1.32 -10.27
C ILE B 82 -14.29 -0.12 -10.62
N GLY B 83 -15.13 0.32 -9.67
CA GLY B 83 -16.09 1.39 -9.90
C GLY B 83 -15.65 2.74 -9.33
N SER B 95 -18.04 14.32 -9.10
CA SER B 95 -17.09 15.08 -9.92
C SER B 95 -16.44 14.18 -10.97
N VAL B 96 -16.24 14.74 -12.17
CA VAL B 96 -15.51 14.03 -13.24
C VAL B 96 -14.00 13.99 -12.97
N GLU B 97 -13.45 15.14 -12.56
CA GLU B 97 -12.02 15.26 -12.18
C GLU B 97 -11.66 14.33 -11.03
N GLU B 98 -12.54 14.25 -10.03
CA GLU B 98 -12.26 13.50 -8.81
C GLU B 98 -12.41 11.99 -8.97
N GLU B 99 -13.36 11.56 -9.81
CA GLU B 99 -13.54 10.13 -10.09
C GLU B 99 -12.25 9.53 -10.65
N ILE B 100 -11.59 10.28 -11.54
CA ILE B 100 -10.31 9.88 -12.10
C ILE B 100 -9.22 9.84 -11.00
N LYS B 101 -9.24 10.81 -10.09
CA LYS B 101 -8.29 10.87 -8.96
C LYS B 101 -8.38 9.63 -8.08
N ARG B 102 -9.60 9.15 -7.87
CA ARG B 102 -9.85 8.03 -6.96
C ARG B 102 -9.62 6.68 -7.60
N VAL B 103 -9.93 6.56 -8.89
CA VAL B 103 -9.96 5.25 -9.54
C VAL B 103 -8.65 4.82 -10.23
N VAL B 104 -7.91 5.79 -10.78
CA VAL B 104 -6.65 5.51 -11.50
C VAL B 104 -5.56 4.83 -10.62
N PRO B 105 -5.31 5.36 -9.41
CA PRO B 105 -4.33 4.70 -8.53
C PRO B 105 -4.68 3.24 -8.23
N MET B 106 -5.97 2.96 -8.06
CA MET B 106 -6.46 1.60 -7.84
C MET B 106 -6.22 0.63 -9.00
N ILE B 107 -6.33 1.14 -10.23
CA ILE B 107 -6.04 0.33 -11.41
C ILE B 107 -4.55 0.04 -11.56
N GLN B 108 -3.72 1.08 -11.49
CA GLN B 108 -2.26 0.94 -11.56
C GLN B 108 -1.78 -0.11 -10.57
N ALA B 109 -2.20 0.05 -9.30
CA ALA B 109 -1.81 -0.84 -8.22
C ALA B 109 -2.30 -2.27 -8.46
N VAL B 110 -3.61 -2.42 -8.71
CA VAL B 110 -4.20 -3.75 -8.89
C VAL B 110 -3.60 -4.47 -10.10
N SER B 111 -3.43 -3.74 -11.20
CA SER B 111 -2.83 -4.32 -12.40
C SER B 111 -1.39 -4.79 -12.14
N LYS B 112 -0.62 -4.00 -11.40
CA LYS B 112 0.76 -4.34 -11.10
C LYS B 112 0.81 -5.56 -10.20
N GLU B 113 -0.01 -5.55 -9.15
CA GLU B 113 0.12 -6.52 -8.07
C GLU B 113 -0.73 -7.77 -8.19
N VAL B 114 -1.78 -7.71 -9.01
CA VAL B 114 -2.67 -8.85 -9.23
C VAL B 114 -2.77 -9.17 -10.72
N LYS B 115 -2.32 -10.37 -11.11
CA LYS B 115 -2.29 -10.74 -12.52
C LYS B 115 -3.65 -11.27 -12.95
N LEU B 116 -4.50 -10.35 -13.41
CA LEU B 116 -5.89 -10.63 -13.79
C LEU B 116 -6.42 -9.41 -14.54
N PRO B 117 -7.26 -9.64 -15.57
CA PRO B 117 -7.80 -8.49 -16.31
C PRO B 117 -8.76 -7.65 -15.47
N ILE B 118 -8.77 -6.35 -15.74
CA ILE B 118 -9.50 -5.37 -14.95
C ILE B 118 -10.50 -4.62 -15.81
N SER B 119 -11.71 -4.48 -15.31
CA SER B 119 -12.69 -3.64 -15.99
C SER B 119 -12.97 -2.42 -15.15
N ILE B 120 -13.17 -1.30 -15.84
CA ILE B 120 -13.56 -0.04 -15.21
C ILE B 120 -15.07 0.14 -15.32
N ASP B 121 -15.74 0.16 -14.17
CA ASP B 121 -17.18 0.39 -14.10
C ASP B 121 -17.52 1.87 -14.20
N THR B 122 -17.52 2.41 -15.41
CA THR B 122 -18.00 3.78 -15.62
C THR B 122 -18.89 3.91 -16.86
N TYR B 123 -19.45 5.10 -17.08
CA TYR B 123 -20.18 5.42 -18.31
C TYR B 123 -19.65 6.69 -18.97
N LYS B 124 -18.62 7.29 -18.35
CA LYS B 124 -18.03 8.54 -18.81
C LYS B 124 -16.82 8.25 -19.69
N ALA B 125 -16.77 8.91 -20.85
CA ALA B 125 -15.71 8.70 -21.83
C ALA B 125 -14.32 9.01 -21.29
N GLU B 126 -14.20 10.15 -20.61
CA GLU B 126 -12.91 10.58 -20.05
C GLU B 126 -12.43 9.58 -19.00
N VAL B 127 -13.36 9.14 -18.15
CA VAL B 127 -13.10 8.15 -17.09
C VAL B 127 -12.51 6.87 -17.65
N ALA B 128 -13.05 6.42 -18.77
CA ALA B 128 -12.61 5.21 -19.44
C ALA B 128 -11.22 5.34 -20.08
N LYS B 129 -10.93 6.51 -20.66
CA LYS B 129 -9.64 6.75 -21.32
C LYS B 129 -8.49 6.66 -20.32
N GLN B 130 -8.62 7.40 -19.21
CA GLN B 130 -7.60 7.47 -18.17
C GLN B 130 -7.36 6.08 -17.56
N ALA B 131 -8.46 5.36 -17.36
CA ALA B 131 -8.47 4.05 -16.74
C ALA B 131 -7.75 3.01 -17.58
N ILE B 132 -7.89 3.11 -18.89
CA ILE B 132 -7.27 2.18 -19.83
C ILE B 132 -5.77 2.44 -19.92
N GLU B 133 -5.42 3.72 -19.96
CA GLU B 133 -4.02 4.12 -19.86
C GLU B 133 -3.46 3.73 -18.48
N ALA B 134 -4.31 3.76 -17.46
CA ALA B 134 -3.96 3.30 -16.12
C ALA B 134 -3.69 1.80 -16.06
N GLY B 135 -4.11 1.07 -17.08
CA GLY B 135 -3.87 -0.37 -17.18
C GLY B 135 -5.09 -1.26 -17.18
N ALA B 136 -6.28 -0.65 -17.27
CA ALA B 136 -7.55 -1.40 -17.31
C ALA B 136 -7.84 -1.96 -18.70
N HIS B 137 -8.54 -3.09 -18.74
CA HIS B 137 -8.65 -3.90 -19.96
C HIS B 137 -10.03 -3.90 -20.64
N ILE B 138 -11.08 -3.67 -19.86
CA ILE B 138 -12.47 -3.88 -20.28
C ILE B 138 -13.34 -2.71 -19.79
N ILE B 139 -14.23 -2.21 -20.63
CA ILE B 139 -15.13 -1.15 -20.18
C ILE B 139 -16.46 -1.75 -19.78
N ASN B 140 -17.01 -1.26 -18.67
CA ASN B 140 -18.24 -1.77 -18.09
C ASN B 140 -19.26 -0.65 -17.92
N ASP B 141 -20.07 -0.42 -18.97
CA ASP B 141 -20.94 0.74 -19.06
C ASP B 141 -22.37 0.44 -18.66
N ILE B 142 -22.84 1.06 -17.57
CA ILE B 142 -24.21 0.87 -17.10
C ILE B 142 -25.25 1.63 -17.93
N TRP B 143 -24.79 2.46 -18.85
CA TRP B 143 -25.71 3.19 -19.73
C TRP B 143 -25.58 2.72 -21.17
N GLY B 144 -24.59 1.87 -21.42
CA GLY B 144 -24.43 1.20 -22.71
C GLY B 144 -24.17 2.13 -23.86
N ALA B 145 -23.30 3.11 -23.62
CA ALA B 145 -22.90 4.12 -24.62
C ALA B 145 -23.97 5.17 -24.90
N LYS B 146 -25.02 5.19 -24.10
CA LYS B 146 -26.12 6.13 -24.32
C LYS B 146 -25.95 7.43 -23.53
N ALA B 147 -25.30 7.33 -22.38
CA ALA B 147 -24.97 8.49 -21.57
C ALA B 147 -23.92 9.35 -22.24
N GLU B 148 -22.84 8.70 -22.70
CA GLU B 148 -21.75 9.40 -23.36
C GLU B 148 -21.24 8.62 -24.56
N PRO B 149 -21.95 8.70 -25.70
CA PRO B 149 -21.57 7.98 -26.91
C PRO B 149 -20.06 7.95 -27.20
N LYS B 150 -19.36 9.05 -26.88
CA LYS B 150 -17.91 9.16 -27.10
C LYS B 150 -17.09 8.05 -26.44
N ILE B 151 -17.67 7.40 -25.42
CA ILE B 151 -17.06 6.23 -24.78
C ILE B 151 -16.78 5.09 -25.76
N ALA B 152 -17.64 4.97 -26.78
CA ALA B 152 -17.51 3.93 -27.79
C ALA B 152 -16.29 4.15 -28.67
N GLU B 153 -16.00 5.41 -28.97
CA GLU B 153 -14.79 5.75 -29.72
C GLU B 153 -13.54 5.39 -28.94
N VAL B 154 -13.61 5.50 -27.61
CA VAL B 154 -12.51 5.12 -26.72
C VAL B 154 -12.24 3.62 -26.79
N ALA B 155 -13.32 2.82 -26.79
CA ALA B 155 -13.23 1.37 -26.84
C ALA B 155 -12.63 0.88 -28.14
N ALA B 156 -13.09 1.44 -29.25
CA ALA B 156 -12.58 1.08 -30.57
C ALA B 156 -11.14 1.55 -30.74
N HIS B 157 -10.80 2.68 -30.13
CA HIS B 157 -9.46 3.25 -30.21
C HIS B 157 -8.45 2.38 -29.50
N TYR B 158 -8.85 1.81 -28.36
CA TYR B 158 -7.96 0.98 -27.57
C TYR B 158 -8.19 -0.50 -27.85
N ASP B 159 -9.18 -0.80 -28.70
CA ASP B 159 -9.46 -2.16 -29.15
C ASP B 159 -9.79 -3.08 -27.99
N VAL B 160 -10.48 -2.54 -26.98
CA VAL B 160 -10.83 -3.30 -25.78
C VAL B 160 -12.31 -3.69 -25.73
N PRO B 161 -12.65 -4.77 -25.01
CA PRO B 161 -14.05 -5.20 -24.88
C PRO B 161 -14.88 -4.20 -24.11
N ILE B 162 -16.15 -4.08 -24.47
CA ILE B 162 -17.06 -3.18 -23.77
C ILE B 162 -18.37 -3.90 -23.43
N ILE B 163 -18.79 -3.75 -22.18
CA ILE B 163 -20.02 -4.34 -21.72
C ILE B 163 -21.10 -3.27 -21.78
N LEU B 164 -22.14 -3.53 -22.58
CA LEU B 164 -23.21 -2.59 -22.78
C LEU B 164 -24.41 -3.06 -22.01
N MET B 165 -24.78 -2.31 -20.97
CA MET B 165 -25.90 -2.68 -20.11
C MET B 165 -27.19 -2.04 -20.56
N HIS B 166 -28.30 -2.76 -20.41
CA HIS B 166 -29.61 -2.18 -20.63
C HIS B 166 -29.95 -1.21 -19.52
N ASN B 167 -30.38 -0.02 -19.90
CA ASN B 167 -30.78 1.02 -18.96
C ASN B 167 -31.68 2.01 -19.69
N ARG B 168 -32.55 2.68 -18.93
CA ARG B 168 -33.37 3.79 -19.42
C ARG B 168 -33.90 4.61 -18.25
N ASP B 169 -34.43 5.80 -18.53
CA ASP B 169 -34.87 6.72 -17.48
C ASP B 169 -36.30 6.49 -16.98
N ASN B 170 -36.95 5.45 -17.50
CA ASN B 170 -38.33 5.14 -17.15
C ASN B 170 -38.54 3.63 -17.02
N MET B 171 -39.65 3.23 -16.38
CA MET B 171 -39.99 1.80 -16.25
C MET B 171 -41.27 1.47 -17.01
N ASN B 172 -41.52 2.20 -18.09
CA ASN B 172 -42.74 2.05 -18.88
C ASN B 172 -42.51 1.14 -20.08
N TYR B 173 -42.78 -0.15 -19.89
CA TYR B 173 -42.54 -1.15 -20.93
C TYR B 173 -43.82 -1.65 -21.57
N ARG B 174 -43.84 -1.64 -22.90
CA ARG B 174 -44.91 -2.23 -23.69
C ARG B 174 -44.79 -3.76 -23.60
N ASN B 175 -43.59 -4.26 -23.86
CA ASN B 175 -43.25 -5.67 -23.75
C ASN B 175 -41.80 -5.74 -23.27
N LEU B 176 -41.61 -6.02 -21.99
CA LEU B 176 -40.29 -5.88 -21.33
C LEU B 176 -39.14 -6.40 -22.19
N MET B 177 -39.20 -7.69 -22.55
CA MET B 177 -38.07 -8.33 -23.22
C MET B 177 -37.80 -7.79 -24.62
N ALA B 178 -38.88 -7.60 -25.39
CA ALA B 178 -38.81 -6.98 -26.70
C ALA B 178 -38.22 -5.58 -26.60
N ASP B 179 -38.72 -4.80 -25.65
CA ASP B 179 -38.20 -3.46 -25.40
C ASP B 179 -36.72 -3.46 -25.00
N MET B 180 -36.34 -4.37 -24.09
CA MET B 180 -34.94 -4.48 -23.67
C MET B 180 -34.05 -4.81 -24.85
N ILE B 181 -34.50 -5.70 -25.71
CA ILE B 181 -33.73 -6.13 -26.89
C ILE B 181 -33.60 -4.98 -27.88
N ALA B 182 -34.70 -4.29 -28.14
CA ALA B 182 -34.66 -3.05 -28.89
C ALA B 182 -33.60 -2.08 -28.32
N ASP B 183 -33.73 -1.73 -27.03
CA ASP B 183 -32.83 -0.81 -26.35
C ASP B 183 -31.37 -1.22 -26.50
N LEU B 184 -31.11 -2.51 -26.28
CA LEU B 184 -29.76 -3.05 -26.44
C LEU B 184 -29.23 -2.89 -27.88
N TYR B 185 -30.08 -3.15 -28.89
CA TYR B 185 -29.68 -2.93 -30.29
CA TYR B 185 -29.62 -2.95 -30.26
C TYR B 185 -29.29 -1.47 -30.57
N ASP B 186 -30.03 -0.54 -29.95
CA ASP B 186 -29.63 0.87 -30.04
C ASP B 186 -28.18 1.05 -29.54
N SER B 187 -27.83 0.40 -28.43
CA SER B 187 -26.47 0.44 -27.91
C SER B 187 -25.44 -0.20 -28.87
N ILE B 188 -25.76 -1.38 -29.39
CA ILE B 188 -24.89 -2.08 -30.34
C ILE B 188 -24.58 -1.20 -31.55
N LYS B 189 -25.62 -0.54 -32.07
CA LYS B 189 -25.49 0.39 -33.19
C LYS B 189 -24.43 1.45 -32.90
N ILE B 190 -24.56 2.13 -31.76
CA ILE B 190 -23.63 3.21 -31.37
C ILE B 190 -22.18 2.73 -31.28
N ALA B 191 -22.00 1.51 -30.77
CA ALA B 191 -20.67 0.91 -30.64
C ALA B 191 -20.03 0.64 -31.99
N LYS B 192 -20.77 -0.02 -32.87
CA LYS B 192 -20.29 -0.35 -34.21
C LYS B 192 -20.13 0.86 -35.10
N ASP B 193 -21.00 1.85 -34.91
CA ASP B 193 -20.92 3.14 -35.61
C ASP B 193 -19.63 3.86 -35.25
N ALA B 194 -19.19 3.69 -34.01
CA ALA B 194 -17.93 4.24 -33.55
C ALA B 194 -16.73 3.40 -34.01
N GLY B 195 -17.01 2.18 -34.48
CA GLY B 195 -15.99 1.29 -35.05
C GLY B 195 -15.66 0.03 -34.26
N VAL B 196 -16.36 -0.18 -33.13
CA VAL B 196 -16.13 -1.34 -32.26
C VAL B 196 -16.44 -2.67 -32.96
N ARG B 197 -15.42 -3.52 -33.09
CA ARG B 197 -15.58 -4.85 -33.67
C ARG B 197 -16.55 -5.68 -32.85
N ASP B 198 -17.24 -6.60 -33.51
CA ASP B 198 -18.25 -7.42 -32.85
C ASP B 198 -17.69 -8.23 -31.69
N GLU B 199 -16.53 -8.86 -31.94
CA GLU B 199 -15.85 -9.68 -30.94
C GLU B 199 -15.56 -8.92 -29.64
N ASN B 200 -15.76 -7.60 -29.66
CA ASN B 200 -15.51 -6.73 -28.52
C ASN B 200 -16.78 -6.20 -27.87
N ILE B 201 -17.93 -6.77 -28.23
CA ILE B 201 -19.21 -6.37 -27.63
C ILE B 201 -19.73 -7.44 -26.70
N ILE B 202 -20.11 -7.01 -25.48
CA ILE B 202 -20.76 -7.87 -24.50
C ILE B 202 -22.04 -7.21 -24.03
N LEU B 203 -23.10 -8.01 -23.87
CA LEU B 203 -24.39 -7.47 -23.42
C LEU B 203 -24.66 -7.75 -21.95
N ASN B 204 -25.46 -6.88 -21.33
CA ASN B 204 -25.83 -6.95 -19.94
C ASN B 204 -27.31 -6.58 -19.84
N PRO B 205 -28.15 -7.50 -19.32
CA PRO B 205 -29.60 -7.26 -19.20
C PRO B 205 -29.98 -6.13 -18.22
N GLY B 206 -29.06 -5.73 -17.36
CA GLY B 206 -29.30 -4.62 -16.46
C GLY B 206 -30.40 -4.90 -15.45
N ILE B 207 -30.35 -6.08 -14.82
CA ILE B 207 -31.21 -6.41 -13.69
C ILE B 207 -30.94 -5.48 -12.49
N GLY B 208 -32.02 -4.92 -11.94
CA GLY B 208 -31.91 -3.97 -10.84
C GLY B 208 -31.79 -2.53 -11.30
N PHE B 209 -31.82 -2.31 -12.61
CA PHE B 209 -31.83 -0.96 -13.15
C PHE B 209 -33.07 -0.76 -13.98
N ALA B 210 -33.74 0.36 -13.76
CA ALA B 210 -34.95 0.76 -14.48
C ALA B 210 -35.98 -0.36 -14.60
N LYS B 211 -36.19 -1.09 -13.51
CA LYS B 211 -37.21 -2.13 -13.48
C LYS B 211 -37.87 -2.23 -12.11
N THR B 212 -39.19 -2.43 -12.11
CA THR B 212 -39.91 -2.81 -10.90
C THR B 212 -39.41 -4.19 -10.46
N PRO B 213 -39.59 -4.54 -9.18
CA PRO B 213 -39.24 -5.89 -8.73
C PRO B 213 -39.80 -6.96 -9.67
N GLU B 214 -41.06 -6.81 -10.06
CA GLU B 214 -41.72 -7.75 -10.94
C GLU B 214 -41.09 -7.88 -12.32
N GLN B 215 -40.60 -6.76 -12.85
CA GLN B 215 -39.98 -6.79 -14.15
C GLN B 215 -38.63 -7.48 -14.02
N ASN B 216 -37.89 -7.19 -12.96
CA ASN B 216 -36.64 -7.89 -12.68
C ASN B 216 -36.80 -9.41 -12.69
N LEU B 217 -37.86 -9.89 -12.05
CA LEU B 217 -38.16 -11.31 -12.06
C LEU B 217 -38.40 -11.79 -13.48
N GLU B 218 -39.22 -11.04 -14.21
CA GLU B 218 -39.61 -11.37 -15.57
C GLU B 218 -38.40 -11.47 -16.52
N ALA B 219 -37.48 -10.50 -16.40
CA ALA B 219 -36.28 -10.51 -17.22
C ALA B 219 -35.43 -11.73 -16.88
N MET B 220 -35.30 -12.05 -15.60
CA MET B 220 -34.62 -13.29 -15.19
C MET B 220 -35.27 -14.49 -15.85
N ARG B 221 -36.59 -14.53 -15.81
CA ARG B 221 -37.36 -15.65 -16.37
C ARG B 221 -37.13 -15.84 -17.87
N ASN B 222 -36.88 -14.74 -18.57
CA ASN B 222 -36.80 -14.76 -20.02
C ASN B 222 -35.42 -14.40 -20.57
N LEU B 223 -34.39 -14.58 -19.75
CA LEU B 223 -33.03 -14.17 -20.06
C LEU B 223 -32.44 -14.78 -21.33
N GLU B 224 -32.83 -16.01 -21.66
CA GLU B 224 -32.29 -16.68 -22.84
C GLU B 224 -32.63 -15.95 -24.14
N GLN B 225 -33.65 -15.10 -24.12
CA GLN B 225 -34.04 -14.36 -25.33
C GLN B 225 -32.93 -13.41 -25.74
N LEU B 226 -32.06 -13.05 -24.81
CA LEU B 226 -30.94 -12.18 -25.13
C LEU B 226 -29.94 -12.87 -26.08
N ASN B 227 -29.93 -14.20 -26.06
CA ASN B 227 -28.94 -14.97 -26.84
C ASN B 227 -29.07 -14.79 -28.34
N VAL B 228 -30.28 -14.46 -28.81
CA VAL B 228 -30.56 -14.33 -30.24
C VAL B 228 -29.72 -13.25 -30.92
N LEU B 229 -29.25 -12.27 -30.13
CA LEU B 229 -28.47 -11.19 -30.70
C LEU B 229 -27.07 -11.63 -31.11
N GLY B 230 -26.62 -12.77 -30.59
CA GLY B 230 -25.33 -13.35 -30.95
C GLY B 230 -24.12 -12.73 -30.27
N TYR B 231 -24.31 -12.18 -29.07
CA TYR B 231 -23.18 -11.66 -28.28
C TYR B 231 -23.11 -12.31 -26.91
N PRO B 232 -21.92 -12.38 -26.33
CA PRO B 232 -21.80 -12.81 -24.95
C PRO B 232 -22.68 -11.97 -24.02
N VAL B 233 -23.18 -12.62 -22.98
CA VAL B 233 -23.99 -11.93 -21.98
C VAL B 233 -23.36 -12.00 -20.56
N LEU B 234 -23.29 -10.84 -19.91
CA LEU B 234 -22.84 -10.77 -18.53
C LEU B 234 -24.04 -10.49 -17.64
N LEU B 235 -24.19 -11.30 -16.60
CA LEU B 235 -25.24 -11.07 -15.62
C LEU B 235 -24.70 -10.44 -14.34
N GLY B 236 -25.33 -9.35 -13.90
CA GLY B 236 -24.96 -8.67 -12.67
C GLY B 236 -26.13 -8.43 -11.74
N THR B 237 -26.45 -9.45 -10.95
CA THR B 237 -27.59 -9.38 -10.05
C THR B 237 -27.19 -9.27 -8.58
N SER B 238 -25.88 -9.28 -8.32
CA SER B 238 -25.35 -9.43 -6.94
C SER B 238 -25.95 -8.46 -5.92
N ARG B 239 -26.74 -9.02 -5.01
CA ARG B 239 -27.31 -8.33 -3.85
C ARG B 239 -28.32 -7.20 -4.12
N LYS B 240 -28.96 -7.19 -5.29
CA LYS B 240 -29.88 -6.09 -5.60
C LYS B 240 -31.20 -6.14 -4.82
N SER B 241 -31.94 -5.03 -4.84
CA SER B 241 -33.20 -4.88 -4.06
C SER B 241 -34.21 -5.96 -4.39
N PHE B 242 -34.26 -6.38 -5.64
CA PHE B 242 -35.29 -7.31 -6.04
C PHE B 242 -35.11 -8.66 -5.36
N ILE B 243 -33.87 -8.99 -5.02
CA ILE B 243 -33.60 -10.16 -4.20
C ILE B 243 -34.11 -9.91 -2.78
N GLY B 244 -33.92 -8.68 -2.31
CA GLY B 244 -34.40 -8.27 -1.00
C GLY B 244 -35.92 -8.28 -0.92
N HIS B 245 -36.58 -7.83 -1.98
CA HIS B 245 -38.04 -7.78 -2.04
C HIS B 245 -38.69 -9.15 -1.99
N VAL B 246 -38.02 -10.15 -2.54
CA VAL B 246 -38.56 -11.50 -2.60
C VAL B 246 -38.37 -12.18 -1.26
N LEU B 247 -37.13 -12.12 -0.76
CA LEU B 247 -36.72 -12.84 0.43
C LEU B 247 -36.99 -12.08 1.72
N ASP B 248 -37.34 -10.80 1.60
CA ASP B 248 -37.45 -9.89 2.74
C ASP B 248 -36.20 -9.95 3.63
N LEU B 249 -35.08 -9.49 3.08
CA LEU B 249 -33.78 -9.61 3.71
C LEU B 249 -32.85 -8.46 3.28
N PRO B 250 -32.06 -7.91 4.22
CA PRO B 250 -31.16 -6.79 3.91
C PRO B 250 -29.97 -7.21 3.06
N VAL B 251 -29.25 -6.22 2.55
CA VAL B 251 -28.14 -6.41 1.62
C VAL B 251 -27.08 -7.44 2.06
N GLU B 252 -26.71 -7.45 3.33
CA GLU B 252 -25.68 -8.36 3.81
C GLU B 252 -26.20 -9.81 3.92
N GLU B 253 -27.51 -9.99 3.78
CA GLU B 253 -28.12 -11.31 3.89
C GLU B 253 -28.73 -11.81 2.56
N ARG B 254 -28.02 -11.60 1.44
CA ARG B 254 -28.58 -11.95 0.12
C ARG B 254 -27.66 -12.86 -0.72
N LEU B 255 -26.76 -13.57 -0.05
CA LEU B 255 -25.88 -14.50 -0.75
C LEU B 255 -26.67 -15.64 -1.42
N GLU B 256 -27.58 -16.29 -0.69
CA GLU B 256 -28.37 -17.41 -1.23
C GLU B 256 -29.26 -16.96 -2.37
N GLY B 257 -29.90 -15.82 -2.20
CA GLY B 257 -30.75 -15.24 -3.26
C GLY B 257 -29.95 -14.92 -4.50
N THR B 258 -28.77 -14.30 -4.33
CA THR B 258 -27.86 -13.99 -5.44
C THR B 258 -27.49 -15.27 -6.17
N GLY B 259 -27.27 -16.32 -5.38
CA GLY B 259 -26.85 -17.60 -5.93
C GLY B 259 -27.89 -18.19 -6.85
N ALA B 260 -29.17 -18.07 -6.46
CA ALA B 260 -30.25 -18.58 -7.29
C ALA B 260 -30.23 -17.88 -8.64
N THR B 261 -30.16 -16.56 -8.62
CA THR B 261 -30.10 -15.76 -9.84
C THR B 261 -28.87 -16.13 -10.69
N VAL B 262 -27.73 -16.35 -10.05
CA VAL B 262 -26.52 -16.82 -10.76
C VAL B 262 -26.74 -18.17 -11.44
N CYS B 263 -27.31 -19.12 -10.70
CA CYS B 263 -27.60 -20.43 -11.27
C CYS B 263 -28.56 -20.36 -12.45
N LEU B 264 -29.69 -19.68 -12.28
CA LEU B 264 -30.66 -19.59 -13.36
C LEU B 264 -30.03 -18.86 -14.55
N GLY B 265 -29.19 -17.87 -14.27
CA GLY B 265 -28.57 -17.05 -15.30
C GLY B 265 -27.65 -17.87 -16.17
N ILE B 266 -26.90 -18.77 -15.55
CA ILE B 266 -25.97 -19.61 -16.26
C ILE B 266 -26.72 -20.66 -17.08
N GLU B 267 -27.76 -21.25 -16.49
CA GLU B 267 -28.59 -22.19 -17.21
C GLU B 267 -29.19 -21.54 -18.45
N LYS B 268 -29.51 -20.25 -18.36
CA LYS B 268 -30.02 -19.51 -19.49
C LYS B 268 -28.95 -18.96 -20.44
N GLY B 269 -27.68 -19.37 -20.25
CA GLY B 269 -26.63 -19.11 -21.23
C GLY B 269 -25.69 -17.93 -21.02
N CYS B 270 -25.61 -17.42 -19.80
CA CYS B 270 -24.67 -16.34 -19.49
C CYS B 270 -23.22 -16.77 -19.59
N GLU B 271 -22.38 -15.88 -20.10
CA GLU B 271 -20.95 -16.13 -20.17
C GLU B 271 -20.18 -15.58 -18.94
N PHE B 272 -20.73 -14.53 -18.30
CA PHE B 272 -20.09 -13.90 -17.16
C PHE B 272 -21.14 -13.65 -16.11
N VAL B 273 -20.72 -13.65 -14.84
CA VAL B 273 -21.58 -13.19 -13.76
C VAL B 273 -20.75 -12.25 -12.89
N ARG B 274 -21.38 -11.17 -12.45
CA ARG B 274 -20.70 -10.10 -11.74
C ARG B 274 -21.16 -10.07 -10.28
N VAL B 275 -20.25 -10.39 -9.38
CA VAL B 275 -20.64 -10.73 -8.03
C VAL B 275 -19.75 -10.14 -6.94
N HIS B 276 -20.29 -10.01 -5.74
CA HIS B 276 -19.51 -9.65 -4.56
C HIS B 276 -18.91 -10.88 -3.89
N ASP B 277 -19.73 -11.90 -3.69
CA ASP B 277 -19.34 -13.09 -2.95
C ASP B 277 -18.63 -14.08 -3.87
N VAL B 278 -17.36 -13.81 -4.15
CA VAL B 278 -16.60 -14.54 -5.14
C VAL B 278 -16.43 -16.03 -4.81
N LYS B 279 -15.94 -16.34 -3.61
CA LYS B 279 -15.75 -17.75 -3.21
C LYS B 279 -17.03 -18.58 -3.47
N GLU B 280 -18.13 -18.11 -2.91
CA GLU B 280 -19.40 -18.83 -2.95
C GLU B 280 -19.97 -18.94 -4.38
N MET B 281 -20.01 -17.82 -5.10
CA MET B 281 -20.56 -17.81 -6.46
C MET B 281 -19.71 -18.60 -7.43
N SER B 282 -18.40 -18.57 -7.23
CA SER B 282 -17.47 -19.34 -8.03
C SER B 282 -17.71 -20.84 -7.91
N ARG B 283 -18.04 -21.31 -6.70
CA ARG B 283 -18.40 -22.70 -6.47
C ARG B 283 -19.68 -23.08 -7.19
N MET B 284 -20.70 -22.23 -7.07
CA MET B 284 -21.99 -22.51 -7.69
C MET B 284 -21.87 -22.55 -9.20
N ALA B 285 -21.10 -21.61 -9.74
CA ALA B 285 -20.90 -21.49 -11.17
C ALA B 285 -20.20 -22.74 -11.68
N LYS B 286 -19.17 -23.16 -10.98
CA LYS B 286 -18.43 -24.35 -11.35
C LYS B 286 -19.37 -25.56 -11.39
N MET B 287 -20.26 -25.65 -10.41
CA MET B 287 -21.20 -26.76 -10.31
C MET B 287 -22.23 -26.73 -11.43
N MET B 288 -22.78 -25.53 -11.70
CA MET B 288 -23.67 -25.32 -12.85
C MET B 288 -23.01 -25.74 -14.16
N ASP B 289 -21.81 -25.20 -14.41
CA ASP B 289 -21.02 -25.55 -15.60
C ASP B 289 -20.95 -27.06 -15.81
N ALA B 290 -20.71 -27.80 -14.73
CA ALA B 290 -20.62 -29.26 -14.82
C ALA B 290 -21.96 -29.88 -15.20
N MET B 291 -23.04 -29.34 -14.64
CA MET B 291 -24.37 -29.91 -14.92
C MET B 291 -24.87 -29.62 -16.32
N ILE B 292 -24.69 -28.39 -16.80
CA ILE B 292 -25.16 -28.03 -18.15
C ILE B 292 -24.16 -28.47 -19.23
N GLY B 293 -22.99 -28.94 -18.83
CA GLY B 293 -21.99 -29.46 -19.75
C GLY B 293 -21.15 -28.41 -20.46
N LYS B 294 -20.82 -27.32 -19.76
CA LYS B 294 -20.03 -26.22 -20.34
C LYS B 294 -18.62 -26.66 -20.74
#